data_6SAD
#
_entry.id   6SAD
#
_cell.length_a   227.425
_cell.length_b   227.425
_cell.length_c   73.335
_cell.angle_alpha   90.000
_cell.angle_beta   90.000
_cell.angle_gamma   120.000
#
_symmetry.space_group_name_H-M   'P 63 2 2'
#
loop_
_entity.id
_entity.type
_entity.pdbx_description
1 polymer '14-3-3 protein gamma'
2 polymer Caspase-2
3 water water
#
loop_
_entity_poly.entity_id
_entity_poly.type
_entity_poly.pdbx_seq_one_letter_code
_entity_poly.pdbx_strand_id
1 'polypeptide(L)'
;MVDREQLVQKARLAEQAERYDDMAAAMKNVTELNEPLSNEERNLLSVAYKNVVGARRSSWRVISSIEQKTSADGNEKKIE
MVRAYREKIEKELEAVCQDVLSLLDNYLIKNCSETQYESKVFYLKMKGDYYRYLAEVATGEKRATVVESSEKAYSEAHEI
SKEHMQPTHPIRLGLALNYSVFYYEIQNAPEQACHLAKTAFDDAIAELDTLNEDSYKDSTLIMQLLRDNLTLWT
;
A,B
2 'polypeptide(L)' DYDL(SEP)LPFPVCESCPLYKKLRLSTDTVEH(SEP)LDNK C
#
# COMPACT_ATOMS: atom_id res chain seq x y z
N VAL A 2 -1.15 15.70 -21.50
CA VAL A 2 -1.47 15.16 -22.81
C VAL A 2 -0.19 15.05 -23.65
N ASP A 3 0.86 15.74 -23.21
CA ASP A 3 2.16 15.69 -23.86
C ASP A 3 2.99 14.54 -23.29
N ARG A 4 3.84 13.96 -24.14
CA ARG A 4 4.62 12.79 -23.72
C ARG A 4 5.58 13.13 -22.59
N GLU A 5 6.27 14.27 -22.69
CA GLU A 5 7.19 14.67 -21.63
C GLU A 5 6.46 14.92 -20.32
N GLN A 6 5.19 15.31 -20.39
CA GLN A 6 4.40 15.49 -19.18
C GLN A 6 3.91 14.15 -18.64
N LEU A 7 3.57 13.22 -19.53
CA LEU A 7 3.10 11.91 -19.10
C LEU A 7 4.18 11.16 -18.33
N VAL A 8 5.43 11.23 -18.80
CA VAL A 8 6.52 10.54 -18.11
C VAL A 8 6.81 11.21 -16.77
N GLN A 9 6.68 12.54 -16.71
CA GLN A 9 6.88 13.23 -15.44
C GLN A 9 5.75 12.95 -14.46
N LYS A 10 4.53 12.74 -14.98
CA LYS A 10 3.44 12.29 -14.13
C LYS A 10 3.75 10.94 -13.50
N ALA A 11 4.34 10.03 -14.29
CA ALA A 11 4.71 8.72 -13.76
C ALA A 11 5.77 8.83 -12.67
N ARG A 12 6.69 9.79 -12.82
CA ARG A 12 7.69 10.00 -11.78
C ARG A 12 7.06 10.55 -10.51
N LEU A 13 6.02 11.40 -10.64
CA LEU A 13 5.30 11.88 -9.48
C LEU A 13 4.56 10.75 -8.77
N ALA A 14 3.82 9.94 -9.54
CA ALA A 14 3.05 8.85 -8.95
C ALA A 14 3.96 7.85 -8.25
N GLU A 15 5.18 7.66 -8.75
CA GLU A 15 6.11 6.77 -8.06
C GLU A 15 6.55 7.35 -6.73
N GLN A 16 6.84 8.66 -6.68
CA GLN A 16 7.23 9.29 -5.42
C GLN A 16 6.06 9.37 -4.46
N ALA A 17 4.84 9.57 -4.97
CA ALA A 17 3.65 9.55 -4.14
C ALA A 17 3.15 8.13 -3.87
N GLU A 18 3.88 7.11 -4.34
CA GLU A 18 3.55 5.71 -4.10
C GLU A 18 2.16 5.34 -4.60
N ARG A 19 1.67 6.07 -5.60
CA ARG A 19 0.40 5.76 -6.26
C ARG A 19 0.73 5.03 -7.56
N TYR A 20 1.02 3.72 -7.42
CA TYR A 20 1.48 2.94 -8.56
C TYR A 20 0.36 2.65 -9.56
N ASP A 21 -0.90 2.73 -9.14
CA ASP A 21 -2.00 2.64 -10.10
C ASP A 21 -1.96 3.79 -11.09
N ASP A 22 -1.74 5.01 -10.59
CA ASP A 22 -1.58 6.15 -11.47
C ASP A 22 -0.34 6.02 -12.34
N MET A 23 0.75 5.52 -11.76
CA MET A 23 2.01 5.40 -12.48
C MET A 23 1.88 4.46 -13.67
N ALA A 24 1.21 3.32 -13.48
CA ALA A 24 1.01 2.38 -14.57
C ALA A 24 0.12 2.97 -15.67
N ALA A 25 -0.79 3.87 -15.30
CA ALA A 25 -1.67 4.48 -16.29
C ALA A 25 -0.92 5.50 -17.14
N ALA A 26 0.00 6.24 -16.53
CA ALA A 26 0.82 7.19 -17.29
C ALA A 26 1.70 6.47 -18.30
N MET A 27 2.42 5.42 -17.84
CA MET A 27 3.28 4.67 -18.73
C MET A 27 2.48 3.87 -19.77
N LYS A 28 1.22 3.54 -19.48
CA LYS A 28 0.38 2.95 -20.50
C LYS A 28 0.07 3.94 -21.61
N ASN A 29 -0.09 5.22 -21.26
CA ASN A 29 -0.34 6.23 -22.29
C ASN A 29 0.91 6.49 -23.12
N VAL A 30 2.08 6.59 -22.46
CA VAL A 30 3.33 6.76 -23.19
C VAL A 30 3.56 5.62 -24.16
N THR A 31 3.25 4.39 -23.73
CA THR A 31 3.39 3.23 -24.60
C THR A 31 2.41 3.30 -25.77
N GLU A 32 1.19 3.79 -25.51
CA GLU A 32 0.15 3.80 -26.53
C GLU A 32 0.36 4.87 -27.60
N LEU A 33 1.37 5.73 -27.45
CA LEU A 33 1.73 6.67 -28.51
C LEU A 33 2.46 5.99 -29.66
N ASN A 34 2.69 4.69 -29.57
CA ASN A 34 3.36 3.87 -30.58
C ASN A 34 4.81 4.29 -30.83
N GLU A 35 5.35 5.18 -30.01
CA GLU A 35 6.78 5.45 -30.14
C GLU A 35 7.56 4.52 -29.22
N PRO A 36 8.66 3.95 -29.69
CA PRO A 36 9.41 3.00 -28.86
C PRO A 36 9.87 3.63 -27.56
N LEU A 37 9.97 2.79 -26.53
CA LEU A 37 10.27 3.24 -25.17
C LEU A 37 11.78 3.25 -24.94
N SER A 38 12.28 4.36 -24.41
CA SER A 38 13.67 4.45 -24.03
C SER A 38 13.96 3.52 -22.84
N ASN A 39 15.23 3.44 -22.46
CA ASN A 39 15.60 2.60 -21.33
C ASN A 39 14.95 3.07 -20.04
N GLU A 40 14.93 4.39 -19.81
CA GLU A 40 14.34 4.91 -18.59
C GLU A 40 12.82 4.73 -18.59
N GLU A 41 12.18 4.95 -19.73
CA GLU A 41 10.73 4.75 -19.81
C GLU A 41 10.37 3.28 -19.76
N ARG A 42 11.27 2.41 -20.21
CA ARG A 42 11.02 0.97 -20.13
C ARG A 42 10.96 0.50 -18.69
N ASN A 43 11.85 1.00 -17.84
CA ASN A 43 11.86 0.59 -16.45
C ASN A 43 10.79 1.28 -15.63
N LEU A 44 10.41 2.50 -16.00
CA LEU A 44 9.29 3.16 -15.34
C LEU A 44 8.01 2.35 -15.55
N LEU A 45 7.78 1.87 -16.77
CA LEU A 45 6.64 1.01 -17.03
C LEU A 45 6.77 -0.32 -16.27
N SER A 46 7.96 -0.91 -16.30
CA SER A 46 8.17 -2.20 -15.62
C SER A 46 7.98 -2.07 -14.11
N VAL A 47 8.51 -1.00 -13.52
CA VAL A 47 8.37 -0.80 -12.08
C VAL A 47 6.92 -0.57 -11.70
N ALA A 48 6.18 0.19 -12.52
CA ALA A 48 4.81 0.55 -12.18
C ALA A 48 3.90 -0.67 -12.15
N TYR A 49 3.92 -1.46 -13.23
CA TYR A 49 3.02 -2.61 -13.30
C TYR A 49 3.46 -3.73 -12.36
N LYS A 50 4.76 -3.85 -12.09
CA LYS A 50 5.21 -4.83 -11.12
C LYS A 50 4.67 -4.52 -9.74
N ASN A 51 4.60 -3.24 -9.37
CA ASN A 51 4.01 -2.87 -8.10
C ASN A 51 2.50 -3.07 -8.11
N VAL A 52 1.85 -2.79 -9.24
CA VAL A 52 0.40 -2.95 -9.33
C VAL A 52 0.02 -4.42 -9.25
N VAL A 53 0.63 -5.25 -10.10
CA VAL A 53 0.34 -6.68 -10.05
C VAL A 53 0.91 -7.31 -8.79
N GLY A 54 1.97 -6.72 -8.22
CA GLY A 54 2.58 -7.30 -7.04
C GLY A 54 1.72 -7.16 -5.81
N ALA A 55 1.01 -6.04 -5.68
CA ALA A 55 0.08 -5.88 -4.56
C ALA A 55 -1.07 -6.86 -4.64
N ARG A 56 -1.49 -7.22 -5.86
CA ARG A 56 -2.54 -8.22 -6.01
C ARG A 56 -2.01 -9.63 -5.73
N ARG A 57 -0.75 -9.89 -6.07
CA ARG A 57 -0.19 -11.21 -5.83
C ARG A 57 -0.05 -11.49 -4.33
N SER A 58 0.36 -10.48 -3.56
CA SER A 58 0.48 -10.67 -2.11
C SER A 58 -0.89 -10.81 -1.46
N SER A 59 -1.86 -10.01 -1.91
CA SER A 59 -3.22 -10.13 -1.36
C SER A 59 -3.84 -11.48 -1.72
N TRP A 60 -3.66 -11.92 -2.97
CA TRP A 60 -4.22 -13.21 -3.38
C TRP A 60 -3.60 -14.35 -2.60
N ARG A 61 -2.29 -14.27 -2.33
CA ARG A 61 -1.62 -15.34 -1.60
C ARG A 61 -2.10 -15.40 -0.15
N VAL A 62 -2.36 -14.24 0.45
CA VAL A 62 -2.86 -14.21 1.83
C VAL A 62 -4.27 -14.79 1.88
N ILE A 63 -5.13 -14.41 0.93
CA ILE A 63 -6.51 -14.87 0.95
C ILE A 63 -6.59 -16.35 0.58
N SER A 64 -5.84 -16.77 -0.45
CA SER A 64 -5.86 -18.16 -0.86
C SER A 64 -5.27 -19.07 0.21
N SER A 65 -4.39 -18.55 1.06
CA SER A 65 -3.91 -19.34 2.19
C SER A 65 -5.01 -19.57 3.21
N ILE A 66 -5.80 -18.52 3.50
CA ILE A 66 -6.93 -18.64 4.40
C ILE A 66 -8.00 -19.57 3.79
N GLU A 67 -8.18 -19.48 2.47
CA GLU A 67 -9.15 -20.32 1.79
C GLU A 67 -8.80 -21.80 1.94
N GLN A 68 -7.50 -22.12 2.06
CA GLN A 68 -7.10 -23.51 2.21
C GLN A 68 -7.43 -24.04 3.59
N LYS A 69 -7.18 -23.25 4.63
CA LYS A 69 -7.47 -23.67 6.00
C LYS A 69 -8.96 -23.63 6.33
N THR A 70 -9.75 -22.91 5.53
CA THR A 70 -11.20 -22.86 5.74
C THR A 70 -11.93 -23.91 4.93
N SER A 71 -11.38 -24.31 3.78
CA SER A 71 -11.98 -25.37 2.98
C SER A 71 -11.79 -26.76 3.59
N ALA A 72 -11.00 -26.87 4.66
CA ALA A 72 -10.87 -28.13 5.38
C ALA A 72 -11.82 -28.21 6.58
N ASP A 73 -12.25 -27.06 7.11
CA ASP A 73 -13.23 -27.07 8.18
C ASP A 73 -14.66 -27.23 7.65
N GLY A 74 -14.93 -26.68 6.47
CA GLY A 74 -16.24 -26.83 5.86
C GLY A 74 -17.35 -26.01 6.49
N ASN A 75 -17.07 -24.75 6.81
CA ASN A 75 -18.06 -23.91 7.46
C ASN A 75 -19.26 -23.61 6.56
N GLU A 76 -19.08 -23.73 5.24
CA GLU A 76 -20.15 -23.63 4.24
C GLU A 76 -20.71 -22.22 4.14
N LYS A 77 -20.27 -21.33 5.00
CA LYS A 77 -20.69 -19.93 4.97
C LYS A 77 -19.51 -18.97 5.01
N LYS A 78 -18.50 -19.26 5.83
CA LYS A 78 -17.28 -18.47 5.82
C LYS A 78 -16.40 -18.83 4.63
N ILE A 79 -16.50 -20.06 4.15
CA ILE A 79 -15.70 -20.48 3.00
C ILE A 79 -16.16 -19.78 1.73
N GLU A 80 -17.47 -19.59 1.57
CA GLU A 80 -17.97 -18.98 0.35
C GLU A 80 -17.65 -17.49 0.29
N MET A 81 -17.58 -16.82 1.43
CA MET A 81 -17.19 -15.41 1.44
C MET A 81 -15.71 -15.24 1.15
N VAL A 82 -14.88 -16.22 1.53
CA VAL A 82 -13.45 -16.15 1.24
C VAL A 82 -13.21 -16.35 -0.25
N ARG A 83 -13.85 -17.37 -0.83
CA ARG A 83 -13.71 -17.61 -2.27
C ARG A 83 -14.16 -16.40 -3.08
N ALA A 84 -15.22 -15.72 -2.62
CA ALA A 84 -15.67 -14.52 -3.29
C ALA A 84 -14.60 -13.45 -3.26
N TYR A 85 -14.00 -13.22 -2.09
CA TYR A 85 -12.93 -12.23 -1.98
C TYR A 85 -11.69 -12.67 -2.75
N ARG A 86 -11.41 -13.97 -2.77
CA ARG A 86 -10.28 -14.46 -3.57
C ARG A 86 -10.51 -14.21 -5.05
N GLU A 87 -11.72 -14.48 -5.54
CA GLU A 87 -12.00 -14.29 -6.97
C GLU A 87 -12.11 -12.81 -7.32
N LYS A 88 -12.47 -11.96 -6.35
CA LYS A 88 -12.46 -10.52 -6.61
C LYS A 88 -11.03 -10.04 -6.83
N ILE A 89 -10.10 -10.46 -5.98
CA ILE A 89 -8.70 -10.14 -6.19
C ILE A 89 -8.17 -10.86 -7.44
N GLU A 90 -8.64 -12.09 -7.67
CA GLU A 90 -8.18 -12.85 -8.83
C GLU A 90 -8.52 -12.13 -10.14
N LYS A 91 -9.72 -11.59 -10.25
CA LYS A 91 -10.10 -10.88 -11.47
C LYS A 91 -9.30 -9.59 -11.63
N GLU A 92 -9.01 -8.90 -10.51
CA GLU A 92 -8.16 -7.71 -10.58
C GLU A 92 -6.76 -8.06 -11.06
N LEU A 93 -6.22 -9.18 -10.59
CA LEU A 93 -4.88 -9.61 -11.02
C LEU A 93 -4.88 -9.95 -12.50
N GLU A 94 -5.84 -10.76 -12.95
CA GLU A 94 -5.88 -11.16 -14.35
C GLU A 94 -6.14 -9.97 -15.27
N ALA A 95 -6.88 -8.97 -14.79
CA ALA A 95 -7.10 -7.78 -15.61
C ALA A 95 -5.82 -6.98 -15.79
N VAL A 96 -4.99 -6.90 -14.74
CA VAL A 96 -3.72 -6.21 -14.87
C VAL A 96 -2.80 -6.95 -15.83
N CYS A 97 -2.84 -8.29 -15.81
CA CYS A 97 -1.96 -9.07 -16.66
C CYS A 97 -2.33 -8.92 -18.13
N GLN A 98 -3.62 -9.06 -18.46
CA GLN A 98 -4.06 -8.88 -19.83
C GLN A 98 -3.77 -7.47 -20.33
N ASP A 99 -3.80 -6.48 -19.43
CA ASP A 99 -3.47 -5.12 -19.82
C ASP A 99 -2.00 -4.99 -20.20
N VAL A 100 -1.10 -5.67 -19.46
CA VAL A 100 0.32 -5.62 -19.79
C VAL A 100 0.60 -6.45 -21.04
N LEU A 101 -0.01 -7.63 -21.14
CA LEU A 101 0.23 -8.49 -22.30
C LEU A 101 -0.24 -7.84 -23.59
N SER A 102 -1.30 -7.03 -23.53
CA SER A 102 -1.73 -6.29 -24.71
C SER A 102 -0.69 -5.25 -25.11
N LEU A 103 -0.21 -4.47 -24.14
CA LEU A 103 0.85 -3.51 -24.42
C LEU A 103 2.09 -4.18 -25.00
N LEU A 104 2.34 -5.43 -24.60
CA LEU A 104 3.52 -6.14 -25.10
C LEU A 104 3.32 -6.56 -26.54
N ASP A 105 2.16 -7.15 -26.86
CA ASP A 105 1.93 -7.66 -28.21
C ASP A 105 1.66 -6.54 -29.22
N ASN A 106 1.06 -5.44 -28.78
CA ASN A 106 0.66 -4.40 -29.72
C ASN A 106 1.71 -3.33 -29.91
N TYR A 107 2.48 -2.99 -28.88
CA TYR A 107 3.45 -1.89 -28.98
C TYR A 107 4.88 -2.33 -28.71
N LEU A 108 5.13 -3.00 -27.60
CA LEU A 108 6.51 -3.16 -27.12
C LEU A 108 7.28 -4.19 -27.95
N ILE A 109 6.76 -5.41 -28.04
CA ILE A 109 7.42 -6.42 -28.86
C ILE A 109 7.29 -6.08 -30.35
N LYS A 110 6.17 -5.47 -30.75
CA LYS A 110 5.93 -5.18 -32.15
C LYS A 110 6.99 -4.22 -32.71
N ASN A 111 7.37 -3.21 -31.93
CA ASN A 111 8.31 -2.20 -32.36
C ASN A 111 9.77 -2.59 -32.10
N CYS A 112 10.05 -3.87 -31.95
CA CYS A 112 11.40 -4.36 -31.72
C CYS A 112 11.93 -4.99 -33.00
N SER A 113 13.01 -4.44 -33.53
CA SER A 113 13.64 -5.02 -34.69
C SER A 113 14.36 -6.31 -34.32
N GLU A 114 14.60 -7.16 -35.32
CA GLU A 114 15.22 -8.46 -35.08
C GLU A 114 16.64 -8.35 -34.56
N THR A 115 17.25 -7.16 -34.58
CA THR A 115 18.59 -6.96 -34.07
C THR A 115 18.63 -6.23 -32.74
N GLN A 116 17.49 -5.76 -32.24
CA GLN A 116 17.40 -5.15 -30.91
C GLN A 116 17.33 -6.27 -29.86
N TYR A 117 18.45 -6.97 -29.72
CA TYR A 117 18.46 -8.20 -28.93
C TYR A 117 18.21 -7.92 -27.46
N GLU A 118 18.75 -6.82 -26.93
CA GLU A 118 18.58 -6.50 -25.51
C GLU A 118 17.11 -6.21 -25.19
N SER A 119 16.45 -5.39 -26.01
CA SER A 119 15.05 -5.08 -25.78
C SER A 119 14.15 -6.26 -26.08
N LYS A 120 14.50 -7.07 -27.08
CA LYS A 120 13.69 -8.23 -27.43
C LYS A 120 13.66 -9.24 -26.28
N VAL A 121 14.79 -9.39 -25.57
CA VAL A 121 14.82 -10.31 -24.44
C VAL A 121 14.06 -9.73 -23.25
N PHE A 122 14.23 -8.44 -23.00
CA PHE A 122 13.55 -7.79 -21.89
C PHE A 122 12.04 -7.94 -21.98
N TYR A 123 11.47 -7.60 -23.15
CA TYR A 123 10.02 -7.64 -23.30
C TYR A 123 9.50 -9.06 -23.34
N LEU A 124 10.25 -9.97 -23.97
CA LEU A 124 9.80 -11.37 -24.04
C LEU A 124 9.83 -12.02 -22.66
N LYS A 125 10.88 -11.75 -21.87
CA LYS A 125 10.90 -12.20 -20.49
C LYS A 125 9.72 -11.63 -19.72
N MET A 126 9.46 -10.34 -19.89
CA MET A 126 8.28 -9.71 -19.28
C MET A 126 7.01 -10.42 -19.69
N LYS A 127 6.91 -10.85 -20.95
CA LYS A 127 5.73 -11.57 -21.41
C LYS A 127 5.61 -12.91 -20.71
N GLY A 128 6.71 -13.64 -20.57
CA GLY A 128 6.68 -14.88 -19.80
C GLY A 128 6.40 -14.64 -18.33
N ASP A 129 6.80 -13.47 -17.81
CA ASP A 129 6.57 -13.15 -16.41
C ASP A 129 5.08 -13.03 -16.12
N TYR A 130 4.39 -12.15 -16.85
CA TYR A 130 2.98 -11.91 -16.56
C TYR A 130 2.09 -13.06 -17.00
N TYR A 131 2.56 -13.90 -17.93
CA TYR A 131 1.85 -15.15 -18.19
C TYR A 131 2.05 -16.13 -17.04
N ARG A 132 3.22 -16.08 -16.39
CA ARG A 132 3.44 -16.89 -15.20
C ARG A 132 2.56 -16.41 -14.04
N TYR A 133 2.44 -15.09 -13.88
CA TYR A 133 1.54 -14.55 -12.87
C TYR A 133 0.10 -15.00 -13.11
N LEU A 134 -0.27 -15.17 -14.38
CA LEU A 134 -1.58 -15.75 -14.69
C LEU A 134 -1.64 -17.21 -14.29
N ALA A 135 -0.54 -17.95 -14.49
CA ALA A 135 -0.51 -19.36 -14.14
C ALA A 135 -0.62 -19.61 -12.65
N GLU A 136 -0.25 -18.63 -11.82
CA GLU A 136 -0.33 -18.82 -10.37
C GLU A 136 -1.74 -18.83 -9.86
N VAL A 137 -2.70 -18.31 -10.62
CA VAL A 137 -4.10 -18.20 -10.19
C VAL A 137 -5.05 -18.94 -11.12
N ALA A 138 -4.52 -19.73 -12.05
CA ALA A 138 -5.34 -20.41 -13.04
C ALA A 138 -5.48 -21.89 -12.70
N THR A 139 -6.58 -22.49 -13.16
CA THR A 139 -6.91 -23.87 -12.87
C THR A 139 -7.40 -24.57 -14.13
N GLY A 140 -7.16 -25.87 -14.20
CA GLY A 140 -7.67 -26.66 -15.31
C GLY A 140 -6.93 -26.39 -16.59
N GLU A 141 -7.69 -26.40 -17.70
CA GLU A 141 -7.08 -26.19 -19.02
C GLU A 141 -6.70 -24.73 -19.24
N LYS A 142 -7.38 -23.79 -18.57
CA LYS A 142 -6.99 -22.39 -18.67
C LYS A 142 -5.60 -22.16 -18.08
N ARG A 143 -5.17 -23.03 -17.17
CA ARG A 143 -3.82 -22.92 -16.61
C ARG A 143 -2.78 -23.47 -17.58
N ALA A 144 -3.02 -24.67 -18.12
CA ALA A 144 -2.09 -25.25 -19.08
C ALA A 144 -1.94 -24.39 -20.33
N THR A 145 -2.90 -23.50 -20.59
CA THR A 145 -2.77 -22.58 -21.70
C THR A 145 -1.76 -21.48 -21.39
N VAL A 146 -1.95 -20.78 -20.27
CA VAL A 146 -1.05 -19.68 -19.92
C VAL A 146 0.33 -20.21 -19.53
N VAL A 147 0.41 -21.44 -19.03
CA VAL A 147 1.71 -22.05 -18.76
C VAL A 147 2.45 -22.28 -20.07
N GLU A 148 1.75 -22.72 -21.11
CA GLU A 148 2.38 -22.90 -22.42
C GLU A 148 2.79 -21.57 -23.02
N SER A 149 1.96 -20.54 -22.85
CA SER A 149 2.32 -19.21 -23.36
C SER A 149 3.51 -18.64 -22.61
N SER A 150 3.58 -18.86 -21.30
CA SER A 150 4.74 -18.42 -20.53
C SER A 150 6.00 -19.17 -20.96
N GLU A 151 5.86 -20.43 -21.40
CA GLU A 151 7.01 -21.21 -21.81
C GLU A 151 7.58 -20.71 -23.13
N LYS A 152 6.71 -20.39 -24.10
CA LYS A 152 7.18 -19.94 -25.40
C LYS A 152 7.90 -18.61 -25.31
N ALA A 153 7.38 -17.69 -24.48
CA ALA A 153 8.03 -16.39 -24.33
C ALA A 153 9.36 -16.53 -23.62
N TYR A 154 9.43 -17.34 -22.57
CA TYR A 154 10.68 -17.53 -21.85
C TYR A 154 11.72 -18.23 -22.73
N SER A 155 11.30 -19.24 -23.49
CA SER A 155 12.25 -20.02 -24.28
C SER A 155 12.83 -19.19 -25.43
N GLU A 156 11.99 -18.41 -26.12
CA GLU A 156 12.49 -17.58 -27.20
C GLU A 156 13.42 -16.49 -26.68
N ALA A 157 13.05 -15.85 -25.57
CA ALA A 157 13.95 -14.89 -24.94
C ALA A 157 15.26 -15.55 -24.53
N HIS A 158 15.23 -16.82 -24.18
CA HIS A 158 16.44 -17.51 -23.76
C HIS A 158 17.37 -17.77 -24.93
N GLU A 159 16.82 -18.21 -26.07
CA GLU A 159 17.67 -18.50 -27.23
C GLU A 159 18.29 -17.22 -27.78
N ILE A 160 17.53 -16.12 -27.80
CA ILE A 160 18.08 -14.84 -28.24
C ILE A 160 19.21 -14.40 -27.32
N SER A 161 19.02 -14.57 -26.01
CA SER A 161 20.02 -14.12 -25.05
C SER A 161 21.25 -15.04 -25.06
N LYS A 162 21.04 -16.34 -25.23
CA LYS A 162 22.16 -17.28 -25.25
C LYS A 162 23.06 -17.08 -26.48
N GLU A 163 22.53 -16.48 -27.55
CA GLU A 163 23.29 -16.28 -28.78
C GLU A 163 23.85 -14.87 -28.92
N HIS A 164 23.07 -13.84 -28.59
CA HIS A 164 23.43 -12.47 -28.88
C HIS A 164 23.74 -11.64 -27.64
N MET A 165 23.95 -12.29 -26.49
CA MET A 165 24.19 -11.56 -25.25
C MET A 165 25.30 -12.21 -24.45
N GLN A 166 26.06 -11.39 -23.75
CA GLN A 166 27.12 -11.89 -22.90
C GLN A 166 26.53 -12.54 -21.65
N PRO A 167 27.18 -13.59 -21.13
CA PRO A 167 26.63 -14.28 -19.96
C PRO A 167 26.54 -13.42 -18.71
N THR A 168 27.33 -12.36 -18.62
CA THR A 168 27.29 -11.46 -17.47
C THR A 168 26.25 -10.36 -17.60
N HIS A 169 25.55 -10.29 -18.73
CA HIS A 169 24.57 -9.24 -18.94
C HIS A 169 23.41 -9.37 -17.95
N PRO A 170 23.12 -8.35 -17.15
CA PRO A 170 22.05 -8.49 -16.14
C PRO A 170 20.70 -8.88 -16.71
N ILE A 171 20.39 -8.46 -17.94
CA ILE A 171 19.14 -8.88 -18.57
C ILE A 171 19.13 -10.38 -18.77
N ARG A 172 20.23 -10.93 -19.30
CA ARG A 172 20.31 -12.37 -19.52
C ARG A 172 20.28 -13.15 -18.21
N LEU A 173 20.97 -12.63 -17.18
CA LEU A 173 20.99 -13.31 -15.89
C LEU A 173 19.60 -13.33 -15.26
N GLY A 174 18.95 -12.17 -15.21
CA GLY A 174 17.62 -12.09 -14.62
C GLY A 174 16.59 -12.95 -15.33
N LEU A 175 16.74 -13.11 -16.65
CA LEU A 175 15.85 -14.01 -17.39
C LEU A 175 16.02 -15.44 -16.90
N ALA A 176 17.28 -15.88 -16.74
CA ALA A 176 17.55 -17.21 -16.24
C ALA A 176 16.96 -17.40 -14.84
N LEU A 177 17.00 -16.34 -14.03
CA LEU A 177 16.38 -16.40 -12.70
C LEU A 177 14.89 -16.68 -12.80
N ASN A 178 14.17 -15.82 -13.53
CA ASN A 178 12.73 -15.98 -13.65
C ASN A 178 12.35 -17.23 -14.45
N TYR A 179 13.19 -17.62 -15.43
CA TYR A 179 12.92 -18.85 -16.16
C TYR A 179 13.09 -20.07 -15.27
N SER A 180 14.14 -20.09 -14.43
CA SER A 180 14.32 -21.19 -13.50
C SER A 180 13.21 -21.21 -12.45
N VAL A 181 12.80 -20.03 -11.99
CA VAL A 181 11.67 -19.95 -11.06
C VAL A 181 10.41 -20.49 -11.73
N PHE A 182 10.24 -20.21 -13.02
CA PHE A 182 9.09 -20.74 -13.74
C PHE A 182 9.11 -22.26 -13.79
N TYR A 183 10.29 -22.85 -13.99
CA TYR A 183 10.39 -24.30 -14.09
C TYR A 183 10.04 -24.98 -12.77
N TYR A 184 10.59 -24.46 -11.66
CA TYR A 184 10.41 -25.13 -10.37
C TYR A 184 9.01 -24.91 -9.82
N GLU A 185 8.54 -23.66 -9.82
CA GLU A 185 7.32 -23.30 -9.11
C GLU A 185 6.05 -23.45 -9.93
N ILE A 186 6.14 -23.39 -11.26
CA ILE A 186 4.97 -23.43 -12.13
C ILE A 186 4.85 -24.76 -12.87
N GLN A 187 5.94 -25.19 -13.53
CA GLN A 187 5.91 -26.43 -14.30
C GLN A 187 6.35 -27.64 -13.48
N ASN A 188 6.80 -27.44 -12.24
CA ASN A 188 7.31 -28.52 -11.38
C ASN A 188 8.29 -29.42 -12.13
N ALA A 189 9.31 -28.79 -12.71
CA ALA A 189 10.41 -29.47 -13.38
C ALA A 189 11.71 -29.09 -12.68
N PRO A 190 11.95 -29.65 -11.49
CA PRO A 190 13.11 -29.19 -10.70
C PRO A 190 14.45 -29.56 -11.33
N GLU A 191 14.50 -30.61 -12.15
CA GLU A 191 15.76 -30.98 -12.78
C GLU A 191 16.23 -29.89 -13.74
N GLN A 192 15.29 -29.26 -14.45
CA GLN A 192 15.61 -28.23 -15.41
C GLN A 192 15.69 -26.84 -14.79
N ALA A 193 14.92 -26.60 -13.72
CA ALA A 193 15.05 -25.34 -13.00
C ALA A 193 16.45 -25.16 -12.44
N CYS A 194 17.00 -26.22 -11.83
CA CYS A 194 18.33 -26.13 -11.25
C CYS A 194 19.42 -26.23 -12.29
N HIS A 195 19.21 -27.03 -13.34
CA HIS A 195 20.15 -27.05 -14.46
C HIS A 195 20.29 -25.66 -15.07
N LEU A 196 19.17 -24.98 -15.26
CA LEU A 196 19.19 -23.63 -15.83
C LEU A 196 19.91 -22.65 -14.91
N ALA A 197 19.58 -22.70 -13.61
CA ALA A 197 20.15 -21.73 -12.68
C ALA A 197 21.65 -21.87 -12.54
N LYS A 198 22.15 -23.10 -12.46
CA LYS A 198 23.59 -23.31 -12.31
C LYS A 198 24.33 -23.04 -13.60
N THR A 199 23.74 -23.42 -14.74
CA THR A 199 24.37 -23.14 -16.04
C THR A 199 24.55 -21.65 -16.22
N ALA A 200 23.52 -20.86 -15.94
CA ALA A 200 23.63 -19.41 -16.06
C ALA A 200 24.58 -18.83 -15.04
N PHE A 201 24.65 -19.42 -13.84
CA PHE A 201 25.57 -18.93 -12.82
C PHE A 201 27.01 -19.26 -13.19
N ASP A 202 27.26 -20.48 -13.68
CA ASP A 202 28.61 -20.87 -14.07
C ASP A 202 29.10 -20.05 -15.25
N ASP A 203 28.31 -19.96 -16.32
CA ASP A 203 28.72 -19.22 -17.50
C ASP A 203 29.00 -17.76 -17.20
N ALA A 204 28.32 -17.20 -16.20
CA ALA A 204 28.52 -15.79 -15.86
C ALA A 204 29.75 -15.54 -15.00
N ILE A 205 30.25 -16.57 -14.32
CA ILE A 205 31.47 -16.42 -13.52
C ILE A 205 32.73 -16.60 -14.38
N ALA A 206 32.66 -17.47 -15.40
CA ALA A 206 33.81 -17.71 -16.26
C ALA A 206 34.36 -16.43 -16.86
N GLU A 207 33.51 -15.41 -17.03
CA GLU A 207 33.96 -14.11 -17.54
C GLU A 207 33.50 -12.98 -16.62
N LEU A 208 33.43 -13.24 -15.31
CA LEU A 208 33.07 -12.19 -14.36
C LEU A 208 34.23 -11.27 -14.06
N ASP A 209 35.46 -11.70 -14.35
CA ASP A 209 36.64 -10.86 -14.18
C ASP A 209 36.67 -9.68 -15.15
N THR A 210 35.96 -9.79 -16.27
CA THR A 210 36.12 -8.87 -17.40
C THR A 210 35.35 -7.56 -17.22
N LEU A 211 34.48 -7.45 -16.23
CA LEU A 211 33.53 -6.34 -16.14
C LEU A 211 34.08 -5.17 -15.35
N ASN A 212 33.48 -3.99 -15.57
CA ASN A 212 33.69 -2.81 -14.75
C ASN A 212 32.90 -2.93 -13.45
N GLU A 213 33.14 -1.98 -12.53
CA GLU A 213 32.38 -1.97 -11.29
C GLU A 213 30.91 -1.66 -11.51
N ASP A 214 30.60 -0.87 -12.55
CA ASP A 214 29.20 -0.57 -12.86
C ASP A 214 28.44 -1.83 -13.24
N SER A 215 29.03 -2.65 -14.10
CA SER A 215 28.46 -3.94 -14.47
C SER A 215 28.92 -5.07 -13.55
N TYR A 216 29.32 -4.74 -12.33
CA TYR A 216 29.70 -5.73 -11.31
C TYR A 216 28.65 -5.83 -10.22
N LYS A 217 28.27 -4.71 -9.61
CA LYS A 217 27.22 -4.73 -8.60
C LYS A 217 25.89 -5.18 -9.20
N ASP A 218 25.57 -4.70 -10.41
CA ASP A 218 24.35 -5.11 -11.08
C ASP A 218 24.40 -6.59 -11.45
N SER A 219 25.54 -7.04 -11.97
CA SER A 219 25.65 -8.42 -12.44
C SER A 219 25.64 -9.40 -11.26
N THR A 220 26.40 -9.11 -10.21
CA THR A 220 26.57 -10.07 -9.13
C THR A 220 25.32 -10.20 -8.27
N LEU A 221 24.54 -9.13 -8.13
CA LEU A 221 23.33 -9.18 -7.31
C LEU A 221 22.36 -10.24 -7.83
N ILE A 222 22.20 -10.33 -9.15
CA ILE A 222 21.34 -11.35 -9.73
C ILE A 222 21.96 -12.74 -9.54
N MET A 223 23.30 -12.82 -9.51
CA MET A 223 23.95 -14.11 -9.31
C MET A 223 23.72 -14.63 -7.91
N GLN A 224 23.74 -13.74 -6.91
CA GLN A 224 23.43 -14.16 -5.55
C GLN A 224 22.01 -14.70 -5.46
N LEU A 225 21.08 -14.10 -6.21
CA LEU A 225 19.71 -14.60 -6.25
C LEU A 225 19.66 -15.99 -6.87
N LEU A 226 20.49 -16.23 -7.89
CA LEU A 226 20.57 -17.57 -8.47
C LEU A 226 21.13 -18.57 -7.46
N ARG A 227 22.09 -18.14 -6.64
CA ARG A 227 22.62 -19.02 -5.60
C ARG A 227 21.58 -19.27 -4.51
N ASP A 228 20.90 -18.21 -4.05
CA ASP A 228 19.90 -18.35 -3.01
C ASP A 228 18.79 -19.31 -3.44
N ASN A 229 18.34 -19.21 -4.69
CA ASN A 229 17.28 -20.09 -5.17
C ASN A 229 17.73 -21.53 -5.21
N LEU A 230 19.01 -21.79 -5.51
CA LEU A 230 19.51 -23.16 -5.55
C LEU A 230 19.54 -23.78 -4.16
N THR A 231 20.06 -23.03 -3.19
CA THR A 231 20.12 -23.56 -1.82
C THR A 231 18.72 -23.75 -1.24
N LEU A 232 17.78 -22.89 -1.60
CA LEU A 232 16.41 -22.99 -1.09
C LEU A 232 15.56 -24.00 -1.85
N TRP A 233 16.08 -24.59 -2.93
CA TRP A 233 15.35 -25.56 -3.72
C TRP A 233 15.79 -27.00 -3.46
N THR A 234 16.45 -27.24 -2.33
CA THR A 234 16.94 -28.56 -1.97
C THR A 234 17.92 -29.09 -3.03
N VAL B 2 -23.53 -10.61 2.36
CA VAL B 2 -24.59 -9.61 2.42
C VAL B 2 -25.10 -9.49 3.86
N ASP B 3 -24.75 -10.47 4.69
CA ASP B 3 -25.12 -10.46 6.09
C ASP B 3 -24.09 -9.67 6.90
N ARG B 4 -24.53 -9.14 8.05
CA ARG B 4 -23.66 -8.31 8.88
C ARG B 4 -22.46 -9.10 9.40
N GLU B 5 -22.69 -10.36 9.80
CA GLU B 5 -21.59 -11.16 10.33
C GLU B 5 -20.54 -11.45 9.27
N GLN B 6 -20.93 -11.48 7.99
CA GLN B 6 -19.97 -11.68 6.92
C GLN B 6 -19.26 -10.38 6.55
N LEU B 7 -19.97 -9.25 6.62
CA LEU B 7 -19.35 -7.97 6.31
C LEU B 7 -18.17 -7.67 7.22
N VAL B 8 -18.31 -7.99 8.52
CA VAL B 8 -17.19 -7.83 9.43
C VAL B 8 -16.08 -8.82 9.10
N GLN B 9 -16.44 -10.01 8.63
CA GLN B 9 -15.43 -10.99 8.24
C GLN B 9 -14.68 -10.54 6.99
N LYS B 10 -15.39 -9.90 6.05
CA LYS B 10 -14.73 -9.36 4.87
C LYS B 10 -13.75 -8.26 5.24
N ALA B 11 -14.13 -7.42 6.21
CA ALA B 11 -13.21 -6.38 6.68
C ALA B 11 -11.99 -6.98 7.37
N ARG B 12 -12.17 -8.10 8.07
CA ARG B 12 -11.02 -8.79 8.65
C ARG B 12 -10.12 -9.36 7.57
N LEU B 13 -10.71 -9.89 6.50
CA LEU B 13 -9.92 -10.42 5.39
C LEU B 13 -9.18 -9.29 4.66
N ALA B 14 -9.86 -8.16 4.44
CA ALA B 14 -9.23 -7.05 3.73
C ALA B 14 -8.03 -6.52 4.49
N GLU B 15 -8.09 -6.51 5.82
CA GLU B 15 -6.94 -6.08 6.60
C GLU B 15 -5.78 -7.05 6.45
N GLN B 16 -6.07 -8.34 6.37
CA GLN B 16 -5.00 -9.33 6.16
C GLN B 16 -4.44 -9.23 4.75
N ALA B 17 -5.30 -8.98 3.77
CA ALA B 17 -4.86 -8.69 2.41
C ALA B 17 -4.34 -7.27 2.24
N GLU B 18 -4.42 -6.45 3.30
CA GLU B 18 -3.92 -5.07 3.29
C GLU B 18 -4.59 -4.24 2.20
N ARG B 19 -5.85 -4.57 1.87
CA ARG B 19 -6.65 -3.79 0.94
C ARG B 19 -7.59 -2.90 1.76
N TYR B 20 -7.01 -1.83 2.32
CA TYR B 20 -7.73 -1.01 3.28
C TYR B 20 -8.89 -0.23 2.66
N ASP B 21 -8.92 -0.10 1.33
CA ASP B 21 -10.09 0.48 0.69
C ASP B 21 -11.29 -0.46 0.80
N ASP B 22 -11.06 -1.76 0.62
CA ASP B 22 -12.11 -2.74 0.84
C ASP B 22 -12.50 -2.82 2.30
N MET B 23 -11.51 -2.74 3.20
CA MET B 23 -11.79 -2.82 4.63
C MET B 23 -12.65 -1.65 5.09
N ALA B 24 -12.33 -0.43 4.66
CA ALA B 24 -13.12 0.73 5.05
C ALA B 24 -14.52 0.68 4.44
N ALA B 25 -14.67 0.08 3.27
CA ALA B 25 -15.99 -0.03 2.66
C ALA B 25 -16.86 -1.03 3.41
N ALA B 26 -16.27 -2.14 3.86
CA ALA B 26 -17.02 -3.13 4.62
C ALA B 26 -17.49 -2.56 5.95
N MET B 27 -16.59 -1.89 6.67
CA MET B 27 -16.98 -1.27 7.94
C MET B 27 -17.95 -0.12 7.73
N LYS B 28 -17.87 0.57 6.60
CA LYS B 28 -18.87 1.59 6.28
C LYS B 28 -20.25 0.97 6.15
N ASN B 29 -20.34 -0.27 5.66
CA ASN B 29 -21.63 -0.94 5.54
C ASN B 29 -22.18 -1.32 6.90
N VAL B 30 -21.37 -1.96 7.75
CA VAL B 30 -21.85 -2.39 9.06
C VAL B 30 -22.23 -1.20 9.92
N THR B 31 -21.59 -0.04 9.69
CA THR B 31 -21.99 1.17 10.39
C THR B 31 -23.33 1.68 9.88
N GLU B 32 -23.62 1.45 8.59
CA GLU B 32 -24.88 1.89 8.01
C GLU B 32 -26.05 0.98 8.34
N LEU B 33 -25.81 -0.13 9.05
CA LEU B 33 -26.90 -0.99 9.50
C LEU B 33 -27.59 -0.48 10.75
N ASN B 34 -27.16 0.67 11.28
CA ASN B 34 -27.70 1.37 12.44
C ASN B 34 -27.54 0.59 13.74
N GLU B 35 -26.96 -0.60 13.72
CA GLU B 35 -26.70 -1.32 14.97
C GLU B 35 -25.39 -0.83 15.59
N PRO B 36 -25.32 -0.73 16.91
CA PRO B 36 -24.10 -0.23 17.56
C PRO B 36 -22.90 -1.11 17.24
N LEU B 37 -21.72 -0.51 17.35
CA LEU B 37 -20.47 -1.17 17.00
C LEU B 37 -19.84 -1.77 18.25
N SER B 38 -19.45 -3.05 18.15
CA SER B 38 -18.69 -3.66 19.22
C SER B 38 -17.30 -3.04 19.30
N ASN B 39 -16.60 -3.32 20.41
CA ASN B 39 -15.27 -2.75 20.60
C ASN B 39 -14.32 -3.18 19.49
N GLU B 40 -14.46 -4.43 19.02
CA GLU B 40 -13.60 -4.92 17.96
C GLU B 40 -13.98 -4.30 16.61
N GLU B 41 -15.27 -4.34 16.27
CA GLU B 41 -15.74 -3.69 15.06
C GLU B 41 -15.41 -2.20 15.06
N ARG B 42 -15.41 -1.57 16.22
CA ARG B 42 -15.07 -0.16 16.31
C ARG B 42 -13.61 0.09 15.96
N ASN B 43 -12.73 -0.85 16.30
CA ASN B 43 -11.32 -0.71 15.97
C ASN B 43 -11.02 -1.14 14.53
N LEU B 44 -11.86 -2.00 13.95
CA LEU B 44 -11.73 -2.30 12.53
C LEU B 44 -12.02 -1.06 11.68
N LEU B 45 -13.01 -0.27 12.07
CA LEU B 45 -13.33 0.94 11.33
C LEU B 45 -12.22 1.98 11.44
N SER B 46 -11.71 2.19 12.66
CA SER B 46 -10.67 3.19 12.86
C SER B 46 -9.39 2.82 12.12
N VAL B 47 -9.02 1.55 12.15
CA VAL B 47 -7.80 1.11 11.47
C VAL B 47 -7.94 1.25 9.96
N ALA B 48 -9.11 0.89 9.42
CA ALA B 48 -9.32 0.93 7.98
C ALA B 48 -9.22 2.35 7.45
N TYR B 49 -9.98 3.28 8.03
CA TYR B 49 -9.99 4.64 7.52
C TYR B 49 -8.73 5.41 7.89
N LYS B 50 -8.03 5.01 8.95
CA LYS B 50 -6.73 5.61 9.24
C LYS B 50 -5.73 5.27 8.15
N ASN B 51 -5.73 4.03 7.67
CA ASN B 51 -4.84 3.64 6.59
C ASN B 51 -5.22 4.31 5.28
N VAL B 52 -6.52 4.40 4.99
CA VAL B 52 -6.98 5.01 3.75
C VAL B 52 -6.61 6.49 3.72
N VAL B 53 -7.01 7.23 4.76
CA VAL B 53 -6.70 8.65 4.80
C VAL B 53 -5.20 8.87 4.96
N GLY B 54 -4.49 7.92 5.58
CA GLY B 54 -3.06 8.05 5.72
C GLY B 54 -2.31 7.92 4.41
N ALA B 55 -2.82 7.07 3.51
CA ALA B 55 -2.21 6.94 2.20
C ALA B 55 -2.37 8.22 1.38
N ARG B 56 -3.55 8.84 1.46
CA ARG B 56 -3.76 10.11 0.77
C ARG B 56 -2.93 11.21 1.40
N ARG B 57 -2.88 11.26 2.73
CA ARG B 57 -2.13 12.31 3.41
C ARG B 57 -0.63 12.20 3.15
N SER B 58 -0.11 10.96 3.09
CA SER B 58 1.30 10.79 2.77
C SER B 58 1.59 11.20 1.34
N SER B 59 0.73 10.80 0.40
CA SER B 59 0.91 11.20 -1.00
C SER B 59 0.78 12.72 -1.15
N TRP B 60 -0.16 13.32 -0.42
CA TRP B 60 -0.33 14.77 -0.51
C TRP B 60 0.88 15.53 0.00
N ARG B 61 1.56 14.99 1.02
CA ARG B 61 2.68 15.70 1.61
C ARG B 61 3.89 15.70 0.69
N VAL B 62 4.11 14.60 -0.03
CA VAL B 62 5.28 14.54 -0.91
C VAL B 62 5.04 15.32 -2.20
N ILE B 63 3.81 15.29 -2.71
CA ILE B 63 3.51 16.05 -3.93
C ILE B 63 3.53 17.54 -3.64
N SER B 64 2.92 17.97 -2.52
CA SER B 64 2.93 19.38 -2.17
C SER B 64 4.34 19.87 -1.91
N SER B 65 5.22 19.01 -1.39
CA SER B 65 6.62 19.39 -1.19
C SER B 65 7.32 19.58 -2.54
N ILE B 66 7.08 18.67 -3.48
CA ILE B 66 7.57 18.87 -4.84
C ILE B 66 7.00 20.15 -5.43
N GLU B 67 5.71 20.41 -5.17
CA GLU B 67 5.06 21.60 -5.70
C GLU B 67 5.70 22.88 -5.16
N GLN B 68 6.19 22.86 -3.93
CA GLN B 68 6.78 24.05 -3.34
C GLN B 68 8.23 24.22 -3.74
N LYS B 69 9.03 23.15 -3.64
CA LYS B 69 10.45 23.24 -3.93
C LYS B 69 10.74 23.40 -5.42
N THR B 70 9.79 23.05 -6.29
CA THR B 70 9.93 23.25 -7.73
C THR B 70 9.05 24.37 -8.26
N SER B 71 8.67 25.30 -7.39
CA SER B 71 7.77 26.39 -7.75
C SER B 71 8.48 27.66 -8.17
N ALA B 72 9.82 27.65 -8.18
CA ALA B 72 10.58 28.86 -8.51
C ALA B 72 11.07 28.86 -9.96
N ASP B 73 11.82 27.84 -10.37
CA ASP B 73 12.46 27.83 -11.67
C ASP B 73 11.75 26.97 -12.70
N GLY B 74 11.03 25.94 -12.27
CA GLY B 74 10.41 24.98 -13.17
C GLY B 74 9.57 25.56 -14.28
N ASN B 75 9.43 24.82 -15.38
CA ASN B 75 8.63 25.29 -16.50
C ASN B 75 7.17 25.45 -16.10
N GLU B 76 6.50 26.42 -16.73
CA GLU B 76 5.10 26.67 -16.44
C GLU B 76 4.19 25.49 -16.81
N LYS B 77 4.70 24.52 -17.58
CA LYS B 77 3.91 23.35 -17.95
C LYS B 77 4.04 22.23 -16.93
N LYS B 78 5.23 22.04 -16.35
CA LYS B 78 5.41 20.99 -15.36
C LYS B 78 4.72 21.34 -14.05
N ILE B 79 4.78 22.61 -13.64
CA ILE B 79 4.14 23.00 -12.38
C ILE B 79 2.62 22.95 -12.51
N GLU B 80 2.09 23.22 -13.70
CA GLU B 80 0.67 23.06 -13.92
C GLU B 80 0.25 21.59 -13.86
N MET B 81 1.19 20.68 -14.07
CA MET B 81 0.92 19.25 -13.92
C MET B 81 1.07 18.81 -12.47
N VAL B 82 1.99 19.43 -11.73
CA VAL B 82 2.21 19.03 -10.33
C VAL B 82 1.07 19.50 -9.46
N ARG B 83 0.70 20.78 -9.55
CA ARG B 83 -0.40 21.29 -8.74
C ARG B 83 -1.73 20.64 -9.12
N ALA B 84 -1.88 20.23 -10.38
CA ALA B 84 -3.08 19.50 -10.78
C ALA B 84 -3.13 18.13 -10.12
N TYR B 85 -1.97 17.48 -9.99
CA TYR B 85 -1.93 16.19 -9.29
C TYR B 85 -2.15 16.37 -7.79
N ARG B 86 -1.64 17.48 -7.23
CA ARG B 86 -1.81 17.72 -5.80
C ARG B 86 -3.28 17.91 -5.45
N GLU B 87 -4.01 18.69 -6.25
CA GLU B 87 -5.43 18.90 -5.97
C GLU B 87 -6.24 17.64 -6.19
N LYS B 88 -5.83 16.78 -7.12
CA LYS B 88 -6.51 15.50 -7.28
C LYS B 88 -6.39 14.66 -6.01
N ILE B 89 -5.20 14.65 -5.40
CA ILE B 89 -5.02 13.96 -4.12
C ILE B 89 -5.80 14.67 -3.04
N GLU B 90 -5.79 16.00 -3.05
CA GLU B 90 -6.50 16.79 -2.04
C GLU B 90 -7.98 16.44 -2.01
N LYS B 91 -8.61 16.36 -3.19
CA LYS B 91 -10.03 16.00 -3.23
C LYS B 91 -10.25 14.56 -2.77
N GLU B 92 -9.30 13.67 -3.07
CA GLU B 92 -9.41 12.30 -2.59
C GLU B 92 -9.32 12.24 -1.08
N LEU B 93 -8.41 13.01 -0.48
CA LEU B 93 -8.29 13.06 0.96
C LEU B 93 -9.56 13.63 1.59
N GLU B 94 -10.03 14.77 1.08
CA GLU B 94 -11.20 15.42 1.66
C GLU B 94 -12.45 14.57 1.49
N ALA B 95 -12.54 13.80 0.40
CA ALA B 95 -13.70 12.93 0.22
C ALA B 95 -13.71 11.80 1.24
N VAL B 96 -12.54 11.28 1.60
CA VAL B 96 -12.45 10.23 2.61
C VAL B 96 -12.77 10.79 3.99
N CYS B 97 -12.28 12.00 4.28
CA CYS B 97 -12.56 12.64 5.55
C CYS B 97 -14.06 12.91 5.72
N GLN B 98 -14.68 13.50 4.69
CA GLN B 98 -16.12 13.73 4.74
C GLN B 98 -16.89 12.42 4.86
N ASP B 99 -16.36 11.34 4.27
CA ASP B 99 -16.99 10.03 4.41
C ASP B 99 -16.98 9.57 5.86
N VAL B 100 -15.86 9.78 6.56
CA VAL B 100 -15.76 9.38 7.97
C VAL B 100 -16.67 10.24 8.83
N LEU B 101 -16.59 11.57 8.65
CA LEU B 101 -17.40 12.48 9.44
C LEU B 101 -18.89 12.26 9.23
N SER B 102 -19.28 11.70 8.09
CA SER B 102 -20.69 11.37 7.86
C SER B 102 -21.11 10.19 8.72
N LEU B 103 -20.32 9.12 8.72
CA LEU B 103 -20.62 7.97 9.58
C LEU B 103 -20.63 8.37 11.05
N LEU B 104 -19.76 9.30 11.44
CA LEU B 104 -19.67 9.69 12.84
C LEU B 104 -20.93 10.46 13.28
N ASP B 105 -21.30 11.48 12.51
CA ASP B 105 -22.42 12.33 12.92
C ASP B 105 -23.77 11.64 12.72
N ASN B 106 -23.90 10.82 11.67
CA ASN B 106 -25.19 10.23 11.35
C ASN B 106 -25.46 8.94 12.12
N TYR B 107 -24.44 8.11 12.36
CA TYR B 107 -24.65 6.81 12.96
C TYR B 107 -23.93 6.64 14.28
N LEU B 108 -22.64 6.96 14.34
CA LEU B 108 -21.81 6.55 15.47
C LEU B 108 -22.04 7.42 16.71
N ILE B 109 -21.80 8.72 16.58
CA ILE B 109 -22.04 9.62 17.71
C ILE B 109 -23.53 9.69 18.03
N LYS B 110 -24.38 9.55 17.02
CA LYS B 110 -25.82 9.70 17.22
C LYS B 110 -26.38 8.59 18.09
N ASN B 111 -26.01 7.34 17.80
CA ASN B 111 -26.56 6.19 18.52
C ASN B 111 -25.92 5.97 19.88
N CYS B 112 -25.17 6.94 20.39
CA CYS B 112 -24.55 6.83 21.71
C CYS B 112 -25.50 7.36 22.77
N SER B 113 -25.62 6.62 23.87
CA SER B 113 -26.45 7.06 24.98
C SER B 113 -25.68 8.06 25.84
N GLU B 114 -26.35 8.58 26.87
CA GLU B 114 -25.72 9.54 27.75
C GLU B 114 -24.71 8.90 28.69
N THR B 115 -24.76 7.58 28.86
CA THR B 115 -23.86 6.88 29.76
C THR B 115 -22.73 6.14 29.03
N GLN B 116 -22.72 6.16 27.70
CA GLN B 116 -21.66 5.50 26.93
C GLN B 116 -20.49 6.45 26.71
N TYR B 117 -19.88 6.84 27.83
CA TYR B 117 -18.79 7.82 27.79
C TYR B 117 -17.59 7.30 26.99
N GLU B 118 -17.36 5.99 27.00
CA GLU B 118 -16.22 5.44 26.27
C GLU B 118 -16.40 5.60 24.76
N SER B 119 -17.51 5.08 24.22
CA SER B 119 -17.76 5.20 22.79
C SER B 119 -17.95 6.65 22.38
N LYS B 120 -18.58 7.45 23.23
CA LYS B 120 -18.76 8.87 22.92
C LYS B 120 -17.42 9.58 22.76
N VAL B 121 -16.49 9.32 23.67
CA VAL B 121 -15.18 9.95 23.58
C VAL B 121 -14.40 9.39 22.39
N PHE B 122 -14.53 8.09 22.13
CA PHE B 122 -13.83 7.48 21.00
C PHE B 122 -14.27 8.11 19.69
N TYR B 123 -15.58 8.21 19.47
CA TYR B 123 -16.08 8.77 18.22
C TYR B 123 -15.84 10.28 18.13
N LEU B 124 -15.91 10.98 19.26
CA LEU B 124 -15.69 12.43 19.24
C LEU B 124 -14.23 12.75 18.95
N LYS B 125 -13.30 11.97 19.51
CA LYS B 125 -11.88 12.15 19.20
C LYS B 125 -11.63 11.91 17.72
N MET B 126 -12.23 10.85 17.17
CA MET B 126 -12.12 10.58 15.74
C MET B 126 -12.63 11.76 14.91
N LYS B 127 -13.71 12.40 15.35
CA LYS B 127 -14.23 13.56 14.65
C LYS B 127 -13.21 14.69 14.64
N GLY B 128 -12.62 14.99 15.79
CA GLY B 128 -11.57 16.00 15.83
C GLY B 128 -10.35 15.60 15.05
N ASP B 129 -10.10 14.30 14.91
CA ASP B 129 -8.96 13.82 14.14
C ASP B 129 -9.14 14.13 12.65
N TYR B 130 -10.26 13.67 12.07
CA TYR B 130 -10.46 13.81 10.64
C TYR B 130 -10.78 15.25 10.24
N TYR B 131 -11.29 16.07 11.16
CA TYR B 131 -11.36 17.49 10.89
C TYR B 131 -9.99 18.14 10.94
N ARG B 132 -9.08 17.60 11.77
CA ARG B 132 -7.70 18.09 11.77
C ARG B 132 -7.00 17.75 10.47
N TYR B 133 -7.25 16.54 9.94
CA TYR B 133 -6.66 16.16 8.66
C TYR B 133 -7.13 17.09 7.55
N LEU B 134 -8.39 17.53 7.60
CA LEU B 134 -8.89 18.48 6.62
C LEU B 134 -8.19 19.83 6.76
N ALA B 135 -7.90 20.25 7.99
CA ALA B 135 -7.23 21.52 8.21
C ALA B 135 -5.81 21.55 7.68
N GLU B 136 -5.18 20.39 7.51
CA GLU B 136 -3.82 20.36 6.97
C GLU B 136 -3.78 20.80 5.50
N VAL B 137 -4.87 20.58 4.76
CA VAL B 137 -4.91 20.82 3.33
C VAL B 137 -5.83 21.98 2.96
N ALA B 138 -6.29 22.75 3.95
CA ALA B 138 -7.23 23.84 3.71
C ALA B 138 -6.56 25.18 3.95
N THR B 139 -7.11 26.21 3.32
CA THR B 139 -6.58 27.57 3.42
C THR B 139 -7.73 28.57 3.47
N GLY B 140 -7.49 29.67 4.19
CA GLY B 140 -8.45 30.76 4.26
C GLY B 140 -9.63 30.50 5.16
N GLU B 141 -10.82 30.93 4.72
CA GLU B 141 -12.02 30.74 5.52
C GLU B 141 -12.42 29.26 5.59
N LYS B 142 -12.14 28.49 4.54
CA LYS B 142 -12.43 27.07 4.56
C LYS B 142 -11.59 26.33 5.59
N ARG B 143 -10.41 26.88 5.92
CA ARG B 143 -9.58 26.26 6.94
C ARG B 143 -10.07 26.61 8.35
N ALA B 144 -10.39 27.89 8.59
CA ALA B 144 -10.79 28.32 9.93
C ALA B 144 -12.07 27.65 10.40
N THR B 145 -12.88 27.12 9.49
CA THR B 145 -14.11 26.47 9.94
C THR B 145 -13.86 25.02 10.34
N VAL B 146 -13.12 24.25 9.53
CA VAL B 146 -12.80 22.88 9.92
C VAL B 146 -11.87 22.85 11.12
N VAL B 147 -11.12 23.92 11.37
CA VAL B 147 -10.31 24.01 12.58
C VAL B 147 -11.21 24.11 13.81
N GLU B 148 -12.24 24.95 13.74
CA GLU B 148 -13.15 25.10 14.89
C GLU B 148 -14.03 23.87 15.06
N SER B 149 -14.35 23.17 13.98
CA SER B 149 -15.09 21.92 14.11
C SER B 149 -14.24 20.85 14.77
N SER B 150 -12.94 20.83 14.46
CA SER B 150 -12.02 19.93 15.15
C SER B 150 -11.92 20.29 16.63
N GLU B 151 -11.91 21.59 16.94
CA GLU B 151 -11.83 22.03 18.32
C GLU B 151 -13.07 21.66 19.10
N LYS B 152 -14.25 21.87 18.51
CA LYS B 152 -15.50 21.51 19.20
C LYS B 152 -15.59 20.01 19.44
N ALA B 153 -15.04 19.20 18.54
CA ALA B 153 -15.06 17.75 18.74
C ALA B 153 -14.05 17.33 19.79
N TYR B 154 -12.85 17.92 19.77
CA TYR B 154 -11.85 17.59 20.77
C TYR B 154 -12.24 18.08 22.16
N SER B 155 -12.75 19.30 22.26
CA SER B 155 -13.06 19.89 23.56
C SER B 155 -14.18 19.14 24.26
N GLU B 156 -15.22 18.75 23.52
CA GLU B 156 -16.30 17.97 24.12
C GLU B 156 -15.82 16.60 24.55
N ALA B 157 -15.00 15.95 23.72
CA ALA B 157 -14.43 14.67 24.11
C ALA B 157 -13.54 14.78 25.34
N HIS B 158 -12.96 15.96 25.56
CA HIS B 158 -12.12 16.16 26.75
C HIS B 158 -12.97 16.23 28.01
N GLU B 159 -14.08 16.98 27.97
CA GLU B 159 -14.92 17.13 29.16
C GLU B 159 -15.54 15.81 29.56
N ILE B 160 -16.02 15.02 28.59
CA ILE B 160 -16.59 13.71 28.92
C ILE B 160 -15.51 12.81 29.49
N SER B 161 -14.29 12.91 28.98
CA SER B 161 -13.21 12.04 29.43
C SER B 161 -12.67 12.49 30.79
N LYS B 162 -12.56 13.80 31.01
CA LYS B 162 -12.01 14.32 32.26
C LYS B 162 -12.89 14.00 33.46
N GLU B 163 -14.15 13.63 33.24
CA GLU B 163 -15.10 13.40 34.33
C GLU B 163 -15.47 11.93 34.51
N HIS B 164 -15.66 11.17 33.43
CA HIS B 164 -16.24 9.84 33.52
C HIS B 164 -15.26 8.73 33.19
N MET B 165 -13.97 9.03 33.04
CA MET B 165 -13.01 8.01 32.67
C MET B 165 -11.69 8.23 33.40
N GLN B 166 -11.04 7.13 33.77
CA GLN B 166 -9.82 7.19 34.56
C GLN B 166 -8.69 7.81 33.74
N PRO B 167 -7.74 8.47 34.40
CA PRO B 167 -6.63 9.10 33.66
C PRO B 167 -5.74 8.11 32.94
N THR B 168 -5.73 6.84 33.36
CA THR B 168 -4.93 5.81 32.71
C THR B 168 -5.66 5.12 31.58
N HIS B 169 -6.91 5.49 31.31
CA HIS B 169 -7.66 4.87 30.23
C HIS B 169 -7.01 5.21 28.89
N PRO B 170 -6.71 4.22 28.05
CA PRO B 170 -6.04 4.52 26.78
C PRO B 170 -6.84 5.43 25.86
N ILE B 171 -8.17 5.37 25.92
CA ILE B 171 -8.97 6.27 25.10
C ILE B 171 -8.83 7.71 25.59
N ARG B 172 -8.83 7.92 26.91
CA ARG B 172 -8.61 9.26 27.44
C ARG B 172 -7.20 9.73 27.18
N LEU B 173 -6.22 8.84 27.30
CA LEU B 173 -4.83 9.21 27.04
C LEU B 173 -4.62 9.52 25.57
N GLY B 174 -5.14 8.67 24.67
CA GLY B 174 -5.01 8.92 23.25
C GLY B 174 -5.65 10.21 22.81
N LEU B 175 -6.75 10.61 23.45
CA LEU B 175 -7.39 11.87 23.13
C LEU B 175 -6.49 13.05 23.49
N ALA B 176 -5.94 13.04 24.70
CA ALA B 176 -5.06 14.13 25.12
C ALA B 176 -3.83 14.24 24.23
N LEU B 177 -3.37 13.12 23.68
CA LEU B 177 -2.27 13.15 22.72
C LEU B 177 -2.65 13.93 21.47
N ASN B 178 -3.68 13.48 20.76
CA ASN B 178 -4.07 14.14 19.52
C ASN B 178 -4.59 15.55 19.76
N TYR B 179 -5.27 15.78 20.89
CA TYR B 179 -5.73 17.12 21.22
C TYR B 179 -4.56 18.07 21.41
N SER B 180 -3.51 17.62 22.10
CA SER B 180 -2.34 18.47 22.30
C SER B 180 -1.59 18.67 20.98
N VAL B 181 -1.54 17.63 20.14
CA VAL B 181 -0.97 17.79 18.80
C VAL B 181 -1.77 18.81 18.01
N PHE B 182 -3.10 18.76 18.12
CA PHE B 182 -3.95 19.74 17.44
C PHE B 182 -3.60 21.16 17.86
N TYR B 183 -3.25 21.35 19.13
CA TYR B 183 -2.92 22.69 19.60
C TYR B 183 -1.59 23.17 19.04
N TYR B 184 -0.59 22.28 18.99
CA TYR B 184 0.75 22.69 18.58
C TYR B 184 0.85 22.90 17.08
N GLU B 185 0.32 21.97 16.28
CA GLU B 185 0.51 22.01 14.84
C GLU B 185 -0.54 22.85 14.12
N ILE B 186 -1.79 22.82 14.56
CA ILE B 186 -2.87 23.50 13.86
C ILE B 186 -3.09 24.91 14.40
N GLN B 187 -3.22 25.05 15.72
CA GLN B 187 -3.48 26.34 16.33
C GLN B 187 -2.21 27.11 16.67
N ASN B 188 -1.05 26.47 16.61
CA ASN B 188 0.22 27.08 16.99
C ASN B 188 0.14 27.68 18.38
N ALA B 189 -0.30 26.86 19.34
CA ALA B 189 -0.45 27.25 20.74
C ALA B 189 0.45 26.32 21.57
N PRO B 190 1.76 26.55 21.54
CA PRO B 190 2.65 25.66 22.31
C PRO B 190 2.41 25.70 23.81
N GLU B 191 2.03 26.86 24.35
CA GLU B 191 1.75 26.96 25.78
C GLU B 191 0.61 26.04 26.18
N GLN B 192 -0.45 26.00 25.37
CA GLN B 192 -1.62 25.17 25.70
C GLN B 192 -1.37 23.70 25.38
N ALA B 193 -0.70 23.43 24.26
CA ALA B 193 -0.38 22.04 23.92
C ALA B 193 0.49 21.40 24.99
N CYS B 194 1.48 22.14 25.50
CA CYS B 194 2.32 21.62 26.57
C CYS B 194 1.52 21.38 27.84
N HIS B 195 0.63 22.32 28.18
CA HIS B 195 -0.19 22.16 29.38
C HIS B 195 -1.08 20.92 29.28
N LEU B 196 -1.78 20.76 28.16
CA LEU B 196 -2.69 19.62 27.99
C LEU B 196 -1.96 18.31 28.13
N ALA B 197 -0.82 18.15 27.43
CA ALA B 197 -0.09 16.90 27.48
C ALA B 197 0.50 16.64 28.86
N LYS B 198 0.90 17.70 29.57
CA LYS B 198 1.54 17.51 30.87
C LYS B 198 0.53 17.05 31.92
N THR B 199 -0.63 17.70 31.99
CA THR B 199 -1.62 17.33 33.00
C THR B 199 -2.12 15.90 32.79
N ALA B 200 -2.34 15.52 31.52
CA ALA B 200 -2.80 14.15 31.25
C ALA B 200 -1.74 13.13 31.64
N PHE B 201 -0.46 13.47 31.45
CA PHE B 201 0.61 12.57 31.86
C PHE B 201 0.72 12.51 33.39
N ASP B 202 0.63 13.65 34.06
CA ASP B 202 0.75 13.69 35.51
C ASP B 202 -0.40 12.94 36.17
N ASP B 203 -1.63 13.21 35.73
CA ASP B 203 -2.79 12.55 36.32
C ASP B 203 -2.74 11.03 36.11
N ALA B 204 -2.15 10.57 35.01
CA ALA B 204 -2.01 9.14 34.79
C ALA B 204 -0.87 8.56 35.63
N ILE B 205 0.13 9.37 35.97
CA ILE B 205 1.22 8.89 36.80
C ILE B 205 0.76 8.68 38.24
N ALA B 206 -0.05 9.63 38.76
CA ALA B 206 -0.52 9.53 40.14
C ALA B 206 -1.34 8.27 40.37
N GLU B 207 -2.02 7.77 39.34
CA GLU B 207 -2.82 6.55 39.42
C GLU B 207 -2.19 5.42 38.62
N LEU B 208 -0.86 5.34 38.64
CA LEU B 208 -0.17 4.27 37.91
C LEU B 208 -0.54 2.89 38.42
N ASP B 209 -1.03 2.78 39.66
CA ASP B 209 -1.47 1.51 40.22
C ASP B 209 -2.83 1.08 39.71
N THR B 210 -3.35 1.70 38.65
CA THR B 210 -4.65 1.35 38.09
C THR B 210 -4.53 0.44 36.87
N LEU B 211 -3.33 0.22 36.35
CA LEU B 211 -3.17 -0.55 35.13
C LEU B 211 -3.38 -2.04 35.41
N ASN B 212 -4.21 -2.67 34.58
CA ASN B 212 -4.41 -4.11 34.61
C ASN B 212 -3.54 -4.78 33.56
N GLU B 213 -3.53 -6.11 33.59
CA GLU B 213 -2.74 -6.87 32.62
C GLU B 213 -3.25 -6.69 31.19
N ASP B 214 -4.51 -6.30 31.01
CA ASP B 214 -5.08 -6.16 29.68
C ASP B 214 -4.81 -4.80 29.07
N SER B 215 -4.80 -3.73 29.87
CA SER B 215 -4.65 -2.37 29.37
C SER B 215 -3.37 -1.71 29.84
N TYR B 216 -2.34 -2.48 30.19
CA TYR B 216 -1.09 -1.88 30.62
C TYR B 216 -0.24 -1.44 29.43
N LYS B 217 -0.19 -2.24 28.37
CA LYS B 217 0.60 -1.88 27.20
C LYS B 217 0.08 -0.59 26.59
N ASP B 218 -1.16 -0.61 26.10
CA ASP B 218 -1.71 0.52 25.35
C ASP B 218 -1.55 1.83 26.11
N SER B 219 -1.74 1.80 27.43
CA SER B 219 -1.66 3.02 28.21
C SER B 219 -0.22 3.52 28.34
N THR B 220 0.72 2.61 28.62
CA THR B 220 2.08 3.03 28.91
C THR B 220 2.77 3.62 27.69
N LEU B 221 2.54 3.06 26.50
CA LEU B 221 3.17 3.61 25.30
C LEU B 221 2.68 5.03 25.01
N ILE B 222 1.38 5.27 25.20
CA ILE B 222 0.84 6.61 24.98
C ILE B 222 1.46 7.59 25.97
N MET B 223 1.71 7.15 27.19
CA MET B 223 2.37 8.00 28.17
C MET B 223 3.80 8.33 27.73
N GLN B 224 4.49 7.35 27.13
CA GLN B 224 5.81 7.62 26.58
C GLN B 224 5.73 8.61 25.42
N LEU B 225 4.72 8.46 24.56
CA LEU B 225 4.55 9.40 23.45
C LEU B 225 4.18 10.79 23.97
N LEU B 226 3.40 10.86 25.05
CA LEU B 226 3.13 12.16 25.67
C LEU B 226 4.40 12.76 26.24
N ARG B 227 5.28 11.93 26.80
CA ARG B 227 6.58 12.41 27.24
C ARG B 227 7.44 12.84 26.05
N ASP B 228 7.52 11.99 25.03
CA ASP B 228 8.31 12.30 23.85
C ASP B 228 7.89 13.64 23.24
N ASN B 229 6.58 13.86 23.10
CA ASN B 229 6.11 15.13 22.57
C ASN B 229 6.45 16.28 23.51
N LEU B 230 6.51 16.02 24.82
CA LEU B 230 6.81 17.08 25.78
C LEU B 230 8.29 17.45 25.73
N THR B 231 9.17 16.46 25.56
CA THR B 231 10.60 16.77 25.41
C THR B 231 10.85 17.59 24.15
N LEU B 232 10.10 17.32 23.08
CA LEU B 232 10.31 18.02 21.82
C LEU B 232 9.88 19.48 21.92
N TRP B 233 8.84 19.77 22.71
CA TRP B 233 8.28 21.12 22.79
C TRP B 233 8.91 21.94 23.90
N THR B 234 10.01 21.48 24.50
CA THR B 234 10.71 22.20 25.56
C THR B 234 9.79 22.52 26.74
N ASP C 1 11.07 11.54 14.62
CA ASP C 1 9.66 11.74 14.94
C ASP C 1 9.06 12.85 14.08
N TYR C 2 8.22 12.46 13.13
CA TYR C 2 7.57 13.39 12.21
C TYR C 2 6.10 13.59 12.55
N ASP C 3 5.32 12.52 12.61
CA ASP C 3 3.91 12.57 12.97
C ASP C 3 3.79 12.29 14.47
N LEU C 4 3.37 13.29 15.23
CA LEU C 4 3.38 13.18 16.69
C LEU C 4 2.05 12.68 17.26
N LEU C 6 -1.30 9.72 17.54
CA LEU C 6 -1.43 8.35 18.04
C LEU C 6 -1.61 7.30 16.94
N PRO C 7 -0.67 6.35 16.86
CA PRO C 7 -0.84 5.22 15.96
C PRO C 7 -1.45 4.01 16.65
N PHE C 8 -2.37 3.36 15.93
CA PHE C 8 -3.00 2.11 16.37
C PHE C 8 -2.92 1.16 15.19
N PRO C 9 -1.78 0.49 14.99
CA PRO C 9 -1.47 -0.12 13.69
C PRO C 9 -2.50 -1.14 13.20
N VAL C 10 -2.79 -2.18 13.99
CA VAL C 10 -3.62 -3.27 13.54
C VAL C 10 -4.74 -3.52 14.54
N CYS C 11 -5.78 -4.20 14.07
CA CYS C 11 -6.85 -4.72 14.90
C CYS C 11 -7.08 -6.21 14.66
N GLU C 12 -6.17 -6.86 13.96
CA GLU C 12 -6.18 -8.29 13.68
C GLU C 12 -4.75 -8.69 13.34
N SER C 13 -4.58 -9.86 12.73
CA SER C 13 -3.27 -10.24 12.19
C SER C 13 -3.04 -9.43 10.92
N CYS C 14 -2.28 -8.36 11.03
CA CYS C 14 -2.00 -7.46 9.91
C CYS C 14 -1.01 -8.09 8.93
N GLU C 28 11.03 -11.99 -2.92
CA GLU C 28 10.64 -12.87 -4.03
C GLU C 28 11.73 -13.87 -4.35
N HIS C 29 11.44 -14.76 -5.29
CA HIS C 29 12.41 -15.74 -5.72
C HIS C 29 12.87 -15.28 -7.06
N LEU C 31 13.34 -11.83 -9.88
CA LEU C 31 13.97 -10.52 -9.86
C LEU C 31 12.92 -9.41 -9.81
N ASP C 32 13.24 -8.33 -9.11
CA ASP C 32 12.34 -7.18 -9.03
C ASP C 32 13.13 -5.87 -9.18
#